data_4IUO
#
_entry.id   4IUO
#
_cell.length_a   36.914
_cell.length_b   72.802
_cell.length_c   170.905
_cell.angle_alpha   90.00
_cell.angle_beta   90.00
_cell.angle_gamma   90.00
#
_symmetry.space_group_name_H-M   'P 21 21 21'
#
loop_
_entity.id
_entity.type
_entity.pdbx_description
1 polymer '3-dehydroquinate dehydratase'
2 non-polymer '(1S,3R,4S,5R)-1,3,4,5-tetrahydroxycyclohexanecarboxylic acid'
3 water water
#
_entity_poly.entity_id   1
_entity_poly.type   'polypeptide(L)'
_entity_poly.pdbx_seq_one_letter_code
;MHHHHHHSSGVDLGTENLYFQSNAMKTVTVRDLVVGEGAPKIIVSLMGKTITDVKSEALAYREADFDILEWRVDHFANVT
TAESVLEAAGAIREIITDKPLLFTFRSAKEGGEQALTTGQYIDLNRAAVDSGLVDMIDLELFTGDDEVKATVGYAHQHNV
AVIMSNHDFHKTPAAEEIVQRLRKMQELGADIPMIAVMPQTKADVLTLLTATVEMQERYADRPIITMSMSKTGVISRLAG
EVFGSAATFGAVKKASAPGQISVADLRTVLTILHQA
;
_entity_poly.pdbx_strand_id   A,B
#
loop_
_chem_comp.id
_chem_comp.type
_chem_comp.name
_chem_comp.formula
QIC non-polymer '(1S,3R,4S,5R)-1,3,4,5-tetrahydroxycyclohexanecarboxylic acid' 'C7 H12 O6'
#
# COMPACT_ATOMS: atom_id res chain seq x y z
N ASN A 17 31.07 10.29 18.96
CA ASN A 17 29.78 10.36 18.18
C ASN A 17 29.20 11.75 18.10
N LEU A 18 28.42 11.99 17.06
CA LEU A 18 27.71 13.25 16.86
C LEU A 18 26.67 13.03 15.78
N TYR A 19 25.41 13.31 16.11
CA TYR A 19 24.34 13.20 15.12
C TYR A 19 23.70 14.57 15.04
N PHE A 20 22.93 14.81 13.98
CA PHE A 20 22.28 16.10 13.80
C PHE A 20 20.77 15.92 13.82
N GLN A 21 20.06 16.99 14.16
CA GLN A 21 18.61 16.95 14.11
C GLN A 21 18.09 18.33 13.81
N SER A 22 17.09 18.37 12.93
CA SER A 22 16.48 19.62 12.53
C SER A 22 15.00 19.55 12.84
N ASN A 23 14.58 20.23 13.90
CA ASN A 23 13.18 20.26 14.27
C ASN A 23 12.35 20.84 13.14
N ALA A 24 12.79 21.98 12.62
CA ALA A 24 12.09 22.65 11.52
C ALA A 24 11.88 21.74 10.31
N MET A 25 12.89 20.94 9.98
CA MET A 25 12.77 20.02 8.84
C MET A 25 12.24 18.64 9.23
N LYS A 26 12.09 18.40 10.53
CA LYS A 26 11.62 17.12 11.05
C LYS A 26 12.54 15.98 10.62
N THR A 27 13.85 16.20 10.71
CA THR A 27 14.83 15.18 10.34
C THR A 27 15.80 14.87 11.48
N VAL A 28 16.40 13.68 11.40
CA VAL A 28 17.42 13.23 12.36
C VAL A 28 18.48 12.60 11.46
N THR A 29 19.70 13.10 11.52
CA THR A 29 20.78 12.62 10.65
C THR A 29 21.83 11.87 11.45
N VAL A 30 21.90 10.56 11.22
N VAL A 30 21.91 10.56 11.20
CA VAL A 30 22.87 9.69 11.90
CA VAL A 30 22.85 9.68 11.88
C VAL A 30 23.80 9.10 10.84
C VAL A 30 23.80 9.11 10.83
N ARG A 31 25.11 9.34 10.98
CA ARG A 31 26.12 8.84 10.02
C ARG A 31 25.79 9.21 8.59
N ASP A 32 25.44 10.46 8.33
CA ASP A 32 25.11 10.90 6.97
C ASP A 32 23.73 10.43 6.47
N LEU A 33 23.09 9.48 7.18
CA LEU A 33 21.77 9.01 6.79
C LEU A 33 20.72 9.99 7.31
N VAL A 34 19.96 10.61 6.40
CA VAL A 34 18.94 11.59 6.81
C VAL A 34 17.57 10.92 6.99
N VAL A 35 17.21 10.66 8.25
CA VAL A 35 15.93 10.05 8.55
C VAL A 35 14.85 11.14 8.60
N GLY A 36 13.75 10.93 7.90
CA GLY A 36 12.65 11.90 7.81
C GLY A 36 12.61 12.65 6.49
N GLU A 37 13.44 12.22 5.54
CA GLU A 37 13.55 12.86 4.23
C GLU A 37 13.60 11.78 3.15
N GLY A 38 12.95 12.06 2.01
CA GLY A 38 12.92 11.12 0.89
C GLY A 38 12.17 9.84 1.19
N ALA A 39 12.64 8.74 0.60
CA ALA A 39 12.02 7.43 0.80
C ALA A 39 12.27 6.93 2.22
N PRO A 40 11.36 6.10 2.75
CA PRO A 40 11.56 5.51 4.07
C PRO A 40 12.86 4.73 4.11
N LYS A 41 13.53 4.72 5.27
CA LYS A 41 14.79 4.00 5.43
C LYS A 41 14.56 2.55 5.89
N ILE A 42 15.37 1.63 5.38
CA ILE A 42 15.22 0.21 5.72
C ILE A 42 16.07 -0.15 6.93
N ILE A 43 15.43 -0.76 7.93
CA ILE A 43 16.10 -1.25 9.12
C ILE A 43 16.02 -2.78 9.10
N VAL A 44 17.13 -3.45 9.42
CA VAL A 44 17.14 -4.91 9.53
C VAL A 44 17.65 -5.28 10.92
N SER A 45 17.17 -6.40 11.44
CA SER A 45 17.53 -6.85 12.78
C SER A 45 18.53 -7.99 12.74
N LEU A 46 19.61 -7.84 13.50
CA LEU A 46 20.61 -8.87 13.64
C LEU A 46 20.30 -9.62 14.93
N MET A 47 20.17 -10.93 14.81
CA MET A 47 19.79 -11.78 15.93
C MET A 47 20.80 -12.93 16.01
N GLY A 48 21.70 -12.86 16.98
CA GLY A 48 22.69 -13.91 17.20
C GLY A 48 22.73 -14.23 18.68
N LYS A 49 22.73 -15.52 18.99
CA LYS A 49 22.74 -15.96 20.39
C LYS A 49 24.12 -15.80 21.03
N THR A 50 25.17 -16.14 20.30
CA THR A 50 26.54 -16.05 20.80
C THR A 50 27.30 -15.05 19.97
N ILE A 51 28.50 -14.72 20.46
N ILE A 51 28.49 -14.66 20.42
CA ILE A 51 29.37 -13.76 19.80
CA ILE A 51 29.24 -13.68 19.64
C ILE A 51 29.78 -14.19 18.38
C ILE A 51 29.63 -14.19 18.25
N THR A 52 30.01 -15.48 18.15
N THR A 52 30.00 -15.47 18.14
CA THR A 52 30.36 -15.93 16.79
CA THR A 52 30.37 -16.01 16.84
C THR A 52 29.13 -15.94 15.89
C THR A 52 29.13 -15.97 15.90
N ASP A 53 27.95 -16.21 16.47
CA ASP A 53 26.70 -16.13 15.69
C ASP A 53 26.53 -14.69 15.21
N VAL A 54 26.80 -13.75 16.11
CA VAL A 54 26.73 -12.31 15.77
C VAL A 54 27.71 -12.00 14.64
N LYS A 55 28.93 -12.52 14.74
CA LYS A 55 29.91 -12.33 13.68
C LYS A 55 29.43 -12.93 12.35
N SER A 56 28.95 -14.17 12.38
CA SER A 56 28.45 -14.81 11.16
C SER A 56 27.31 -14.02 10.53
N GLU A 57 26.37 -13.57 11.37
CA GLU A 57 25.23 -12.78 10.85
C GLU A 57 25.71 -11.47 10.24
N ALA A 58 26.58 -10.75 10.96
CA ALA A 58 27.11 -9.49 10.48
C ALA A 58 27.77 -9.66 9.11
N LEU A 59 28.53 -10.74 8.95
CA LEU A 59 29.18 -11.05 7.67
C LEU A 59 28.13 -11.25 6.57
N ALA A 60 27.10 -12.04 6.88
CA ALA A 60 26.05 -12.30 5.90
C ALA A 60 25.24 -11.04 5.55
N TYR A 61 25.04 -10.16 6.53
CA TYR A 61 24.28 -8.91 6.35
C TYR A 61 25.02 -7.85 5.55
N ARG A 62 26.36 -7.88 5.61
CA ARG A 62 27.23 -6.90 4.93
C ARG A 62 26.82 -6.57 3.49
N GLU A 63 26.27 -7.55 2.79
CA GLU A 63 25.87 -7.35 1.39
C GLU A 63 24.43 -6.87 1.21
N ALA A 64 23.55 -7.16 2.18
CA ALA A 64 22.12 -6.77 2.08
C ALA A 64 21.96 -5.26 1.95
N ASP A 65 20.94 -4.83 1.21
CA ASP A 65 20.71 -3.41 0.96
C ASP A 65 19.80 -2.74 2.01
N PHE A 66 20.36 -2.50 3.19
CA PHE A 66 19.63 -1.86 4.28
C PHE A 66 20.32 -0.56 4.65
N ASP A 67 19.64 0.28 5.42
CA ASP A 67 20.18 1.59 5.80
C ASP A 67 20.63 1.68 7.27
N ILE A 68 19.92 0.99 8.16
CA ILE A 68 20.21 0.98 9.59
C ILE A 68 20.22 -0.46 10.08
N LEU A 69 21.22 -0.81 10.88
CA LEU A 69 21.31 -2.14 11.44
C LEU A 69 20.88 -2.13 12.87
N GLU A 70 19.83 -2.89 13.19
CA GLU A 70 19.36 -3.03 14.56
C GLU A 70 19.95 -4.30 15.17
N TRP A 71 20.64 -4.17 16.30
CA TRP A 71 21.12 -5.34 17.02
C TRP A 71 20.06 -5.69 18.06
N ARG A 72 19.39 -6.83 17.87
CA ARG A 72 18.38 -7.31 18.83
C ARG A 72 19.10 -8.02 19.97
N VAL A 73 19.47 -7.23 20.98
CA VAL A 73 20.22 -7.69 22.14
C VAL A 73 19.47 -8.74 22.98
N ASP A 74 18.13 -8.71 22.95
CA ASP A 74 17.34 -9.71 23.69
C ASP A 74 17.55 -11.13 23.17
N HIS A 75 18.05 -11.26 21.95
CA HIS A 75 18.39 -12.58 21.39
C HIS A 75 19.77 -13.08 21.85
N PHE A 76 20.56 -12.20 22.46
CA PHE A 76 21.93 -12.51 22.90
C PHE A 76 21.91 -13.18 24.26
N ALA A 77 22.49 -14.39 24.33
CA ALA A 77 22.45 -15.19 25.56
C ALA A 77 23.17 -14.56 26.75
N ASN A 78 24.30 -13.89 26.49
CA ASN A 78 25.11 -13.28 27.55
C ASN A 78 24.86 -11.79 27.73
N VAL A 79 23.58 -11.41 27.70
CA VAL A 79 23.19 -10.01 27.84
C VAL A 79 23.55 -9.40 29.21
N THR A 80 23.62 -10.23 30.25
CA THR A 80 23.95 -9.75 31.61
C THR A 80 25.46 -9.72 31.90
N THR A 81 26.30 -10.07 30.92
CA THR A 81 27.74 -10.01 31.11
C THR A 81 28.25 -8.80 30.34
N ALA A 82 28.63 -7.75 31.06
CA ALA A 82 29.06 -6.49 30.44
C ALA A 82 30.11 -6.67 29.34
N GLU A 83 31.15 -7.43 29.63
CA GLU A 83 32.23 -7.60 28.67
C GLU A 83 31.77 -8.32 27.39
N SER A 84 30.84 -9.27 27.51
CA SER A 84 30.33 -9.99 26.34
C SER A 84 29.52 -9.06 25.44
N VAL A 85 28.70 -8.20 26.03
CA VAL A 85 27.94 -7.26 25.24
C VAL A 85 28.88 -6.34 24.45
N LEU A 86 29.95 -5.88 25.10
CA LEU A 86 30.91 -4.99 24.46
C LEU A 86 31.65 -5.66 23.32
N GLU A 87 32.00 -6.92 23.50
CA GLU A 87 32.72 -7.67 22.46
C GLU A 87 31.81 -7.87 21.24
N ALA A 88 30.54 -8.17 21.50
CA ALA A 88 29.56 -8.37 20.42
C ALA A 88 29.34 -7.06 19.64
N ALA A 89 29.16 -5.95 20.34
CA ALA A 89 28.96 -4.65 19.69
C ALA A 89 30.18 -4.27 18.87
N GLY A 90 31.36 -4.52 19.42
CA GLY A 90 32.61 -4.23 18.75
C GLY A 90 32.76 -5.07 17.49
N ALA A 91 32.35 -6.33 17.58
CA ALA A 91 32.42 -7.25 16.43
C ALA A 91 31.52 -6.76 15.30
N ILE A 92 30.31 -6.32 15.65
CA ILE A 92 29.38 -5.77 14.65
C ILE A 92 29.96 -4.52 14.00
N ARG A 93 30.50 -3.62 14.83
CA ARG A 93 31.05 -2.37 14.31
C ARG A 93 32.26 -2.59 13.40
N GLU A 94 33.04 -3.62 13.69
CA GLU A 94 34.20 -3.94 12.87
C GLU A 94 33.83 -4.51 11.50
N ILE A 95 32.66 -5.15 11.42
CA ILE A 95 32.20 -5.78 10.18
C ILE A 95 31.31 -4.84 9.36
N ILE A 96 30.41 -4.13 10.05
CA ILE A 96 29.49 -3.17 9.45
C ILE A 96 29.96 -1.79 9.94
N THR A 97 30.86 -1.18 9.17
CA THR A 97 31.50 0.08 9.57
C THR A 97 30.84 1.38 9.11
N ASP A 98 30.06 1.33 8.03
CA ASP A 98 29.49 2.54 7.43
C ASP A 98 27.98 2.80 7.65
N LYS A 99 27.32 2.01 8.48
CA LYS A 99 25.88 2.22 8.70
C LYS A 99 25.50 2.41 10.16
N PRO A 100 24.48 3.24 10.42
CA PRO A 100 24.10 3.43 11.81
C PRO A 100 23.75 2.11 12.50
N LEU A 101 24.22 1.97 13.74
CA LEU A 101 23.96 0.80 14.55
C LEU A 101 22.97 1.20 15.64
N LEU A 102 21.84 0.49 15.70
CA LEU A 102 20.79 0.73 16.70
C LEU A 102 20.81 -0.42 17.71
N PHE A 103 20.98 -0.08 18.98
CA PHE A 103 21.02 -1.06 20.09
C PHE A 103 19.62 -1.22 20.65
N THR A 104 19.03 -2.41 20.50
CA THR A 104 17.66 -2.67 20.98
C THR A 104 17.50 -3.92 21.85
N PHE A 105 17.25 -3.73 23.14
CA PHE A 105 16.87 -4.86 23.96
C PHE A 105 15.35 -4.80 23.97
N ARG A 106 14.72 -5.73 23.27
CA ARG A 106 13.27 -5.79 23.22
C ARG A 106 12.77 -6.72 24.31
N SER A 107 12.00 -6.20 25.25
CA SER A 107 11.48 -7.04 26.33
C SER A 107 10.47 -8.07 25.82
N ALA A 108 10.37 -9.18 26.56
CA ALA A 108 9.46 -10.29 26.20
C ALA A 108 8.02 -9.83 26.04
N LYS A 109 7.54 -9.03 27.00
CA LYS A 109 6.18 -8.50 26.94
C LYS A 109 5.93 -7.69 25.66
N GLU A 110 6.96 -7.08 25.08
CA GLU A 110 6.78 -6.29 23.86
C GLU A 110 7.31 -6.94 22.60
N GLY A 111 7.36 -8.27 22.58
CA GLY A 111 7.75 -9.03 21.38
C GLY A 111 9.14 -9.64 21.39
N GLY A 112 9.86 -9.47 22.49
CA GLY A 112 11.22 -9.96 22.63
C GLY A 112 11.40 -11.38 23.13
N GLU A 113 12.63 -11.73 23.46
CA GLU A 113 13.00 -13.09 23.86
C GLU A 113 13.44 -13.29 25.31
N GLN A 114 13.78 -12.19 25.98
CA GLN A 114 14.17 -12.26 27.38
C GLN A 114 13.55 -11.07 28.10
N ALA A 115 13.66 -11.08 29.41
CA ALA A 115 13.14 -10.00 30.26
C ALA A 115 14.21 -9.64 31.29
N LEU A 116 14.35 -8.35 31.56
CA LEU A 116 15.28 -7.85 32.56
C LEU A 116 14.50 -7.01 33.57
N THR A 117 15.06 -6.82 34.75
CA THR A 117 14.46 -5.90 35.72
C THR A 117 14.66 -4.49 35.14
N THR A 118 13.87 -3.52 35.60
CA THR A 118 14.02 -2.14 35.15
C THR A 118 15.46 -1.64 35.34
N GLY A 119 16.06 -1.96 36.49
CA GLY A 119 17.43 -1.53 36.81
C GLY A 119 18.46 -2.09 35.84
N GLN A 120 18.35 -3.38 35.54
CA GLN A 120 19.22 -4.08 34.58
C GLN A 120 19.11 -3.49 33.18
N TYR A 121 17.87 -3.27 32.76
CA TYR A 121 17.54 -2.72 31.43
C TYR A 121 18.12 -1.31 31.26
N ILE A 122 17.92 -0.46 32.26
CA ILE A 122 18.44 0.90 32.24
C ILE A 122 19.98 0.89 32.26
N ASP A 123 20.57 0.07 33.13
CA ASP A 123 22.02 -0.03 33.20
C ASP A 123 22.58 -0.52 31.87
N LEU A 124 21.87 -1.45 31.25
CA LEU A 124 22.31 -2.04 29.97
C LEU A 124 22.40 -0.96 28.91
N ASN A 125 21.36 -0.14 28.80
CA ASN A 125 21.33 0.94 27.83
C ASN A 125 22.33 2.03 28.11
N ARG A 126 22.57 2.33 29.39
CA ARG A 126 23.58 3.31 29.77
C ARG A 126 24.98 2.82 29.34
N ALA A 127 25.26 1.53 29.55
CA ALA A 127 26.55 0.96 29.13
C ALA A 127 26.72 0.98 27.61
N ALA A 128 25.63 0.77 26.88
CA ALA A 128 25.69 0.80 25.42
C ALA A 128 26.03 2.23 24.96
N VAL A 129 25.36 3.20 25.57
CA VAL A 129 25.63 4.62 25.30
C VAL A 129 27.10 4.94 25.58
N ASP A 130 27.59 4.49 26.73
CA ASP A 130 28.96 4.74 27.17
C ASP A 130 30.00 4.17 26.22
N SER A 131 29.69 3.02 25.63
CA SER A 131 30.63 2.30 24.75
C SER A 131 31.12 3.07 23.54
N GLY A 132 30.30 3.99 23.04
CA GLY A 132 30.64 4.74 21.82
C GLY A 132 30.52 3.88 20.57
N LEU A 133 30.08 2.63 20.72
CA LEU A 133 29.99 1.68 19.60
C LEU A 133 28.63 1.72 18.89
N VAL A 134 27.62 2.31 19.52
CA VAL A 134 26.30 2.40 18.87
C VAL A 134 25.89 3.85 18.66
N ASP A 135 25.17 4.07 17.56
CA ASP A 135 24.71 5.38 17.17
C ASP A 135 23.34 5.73 17.77
N MET A 136 22.54 4.68 18.04
CA MET A 136 21.19 4.84 18.54
CA MET A 136 21.18 4.85 18.53
C MET A 136 20.84 3.76 19.54
N ILE A 137 19.90 4.06 20.44
CA ILE A 137 19.39 3.07 21.39
C ILE A 137 17.86 3.12 21.30
N ASP A 138 17.23 1.99 21.57
CA ASP A 138 15.77 1.91 21.65
C ASP A 138 15.38 1.87 23.13
N LEU A 139 14.41 2.70 23.52
CA LEU A 139 13.88 2.70 24.88
C LEU A 139 12.37 2.51 24.83
N GLU A 140 11.87 1.55 25.61
CA GLU A 140 10.44 1.28 25.66
C GLU A 140 9.71 2.25 26.60
N LEU A 141 8.76 2.96 26.02
CA LEU A 141 7.97 3.95 26.73
C LEU A 141 7.43 3.43 28.07
N PHE A 142 6.85 2.23 28.07
CA PHE A 142 6.25 1.67 29.30
C PHE A 142 7.24 1.22 30.39
N THR A 143 8.53 1.43 30.15
CA THR A 143 9.53 1.13 31.16
C THR A 143 9.31 1.99 32.41
N GLY A 144 8.79 3.21 32.21
CA GLY A 144 8.53 4.16 33.30
C GLY A 144 8.94 5.56 32.86
N ASP A 145 8.07 6.55 33.11
CA ASP A 145 8.33 7.94 32.68
C ASP A 145 9.68 8.52 33.16
N ASP A 146 9.93 8.45 34.47
CA ASP A 146 11.16 9.03 35.04
C ASP A 146 12.42 8.33 34.53
N GLU A 147 12.41 7.00 34.55
CA GLU A 147 13.56 6.22 34.09
C GLU A 147 13.84 6.50 32.61
N VAL A 148 12.78 6.50 31.81
CA VAL A 148 12.92 6.76 30.38
C VAL A 148 13.43 8.16 30.12
N LYS A 149 12.86 9.15 30.81
CA LYS A 149 13.28 10.52 30.59
C LYS A 149 14.73 10.75 30.98
N ALA A 150 15.16 10.18 32.10
CA ALA A 150 16.54 10.34 32.54
C ALA A 150 17.49 9.71 31.52
N THR A 151 17.10 8.56 30.97
CA THR A 151 17.96 7.82 30.04
C THR A 151 18.07 8.49 28.67
N VAL A 152 16.99 9.17 28.25
CA VAL A 152 17.00 9.95 27.02
C VAL A 152 18.02 11.09 27.19
N GLY A 153 17.91 11.81 28.31
CA GLY A 153 18.85 12.89 28.63
C GLY A 153 20.29 12.37 28.62
N TYR A 154 20.50 11.21 29.25
CA TYR A 154 21.81 10.58 29.32
C TYR A 154 22.35 10.26 27.92
N ALA A 155 21.50 9.63 27.08
CA ALA A 155 21.89 9.32 25.72
C ALA A 155 22.31 10.59 24.96
N HIS A 156 21.50 11.63 25.07
CA HIS A 156 21.78 12.89 24.37
C HIS A 156 23.10 13.55 24.81
N GLN A 157 23.43 13.45 26.09
CA GLN A 157 24.69 13.98 26.62
C GLN A 157 25.90 13.27 25.97
N HIS A 158 25.70 12.05 25.47
CA HIS A 158 26.75 11.28 24.79
C HIS A 158 26.59 11.25 23.29
N ASN A 159 25.73 12.11 22.76
CA ASN A 159 25.49 12.22 21.33
C ASN A 159 24.98 10.92 20.70
N VAL A 160 24.10 10.24 21.43
CA VAL A 160 23.45 9.01 20.96
C VAL A 160 21.96 9.31 20.82
N ALA A 161 21.39 8.97 19.66
CA ALA A 161 19.97 9.24 19.40
C ALA A 161 19.10 8.15 19.99
N VAL A 162 17.83 8.48 20.19
CA VAL A 162 16.90 7.55 20.81
C VAL A 162 15.64 7.33 19.99
N ILE A 163 15.35 6.06 19.73
CA ILE A 163 14.10 5.67 19.15
C ILE A 163 13.31 5.17 20.35
N MET A 164 12.20 5.83 20.68
CA MET A 164 11.37 5.39 21.79
C MET A 164 10.28 4.52 21.21
N SER A 165 9.95 3.42 21.88
CA SER A 165 9.02 2.45 21.30
C SER A 165 7.92 1.93 22.19
N ASN A 166 6.86 1.47 21.54
CA ASN A 166 5.74 0.86 22.20
C ASN A 166 5.18 -0.17 21.25
N HIS A 167 4.66 -1.27 21.80
CA HIS A 167 4.14 -2.36 21.00
C HIS A 167 2.90 -2.98 21.62
N ASP A 168 2.00 -3.42 20.76
CA ASP A 168 0.83 -4.17 21.19
C ASP A 168 0.69 -5.33 20.21
N PHE A 169 1.10 -6.51 20.66
CA PHE A 169 1.04 -7.71 19.82
C PHE A 169 -0.33 -8.39 19.76
N HIS A 170 -1.32 -7.89 20.49
CA HIS A 170 -2.64 -8.51 20.44
C HIS A 170 -3.71 -7.69 19.75
N LYS A 171 -3.59 -6.36 19.79
CA LYS A 171 -4.62 -5.51 19.23
C LYS A 171 -4.11 -4.16 18.76
N THR A 172 -5.04 -3.39 18.20
CA THR A 172 -4.78 -2.05 17.68
C THR A 172 -5.62 -1.06 18.51
N PRO A 173 -4.96 -0.24 19.34
CA PRO A 173 -5.72 0.75 20.09
C PRO A 173 -6.37 1.78 19.15
N ALA A 174 -7.33 2.53 19.67
CA ALA A 174 -8.00 3.57 18.89
C ALA A 174 -6.96 4.55 18.36
N ALA A 175 -7.25 5.16 17.21
CA ALA A 175 -6.34 6.14 16.60
C ALA A 175 -5.91 7.23 17.58
N GLU A 176 -6.86 7.76 18.35
CA GLU A 176 -6.54 8.82 19.27
C GLU A 176 -5.54 8.39 20.35
N GLU A 177 -5.66 7.15 20.84
CA GLU A 177 -4.74 6.61 21.87
C GLU A 177 -3.33 6.42 21.26
N ILE A 178 -3.26 5.97 20.01
CA ILE A 178 -1.97 5.80 19.31
C ILE A 178 -1.28 7.15 19.19
N VAL A 179 -2.04 8.16 18.77
CA VAL A 179 -1.52 9.51 18.65
C VAL A 179 -1.02 10.03 20.00
N GLN A 180 -1.78 9.84 21.06
CA GLN A 180 -1.34 10.33 22.36
C GLN A 180 -0.06 9.63 22.82
N ARG A 181 0.11 8.34 22.52
CA ARG A 181 1.37 7.68 22.89
C ARG A 181 2.54 8.26 22.14
N LEU A 182 2.36 8.51 20.84
CA LEU A 182 3.43 9.08 20.02
C LEU A 182 3.77 10.49 20.50
N ARG A 183 2.75 11.26 20.89
CA ARG A 183 3.00 12.59 21.43
C ARG A 183 3.75 12.50 22.76
N LYS A 184 3.41 11.50 23.56
CA LYS A 184 4.06 11.30 24.87
C LYS A 184 5.56 10.99 24.66
N MET A 185 5.86 10.16 23.67
CA MET A 185 7.26 9.86 23.36
C MET A 185 8.01 11.14 22.99
N GLN A 186 7.37 12.03 22.21
CA GLN A 186 8.00 13.30 21.84
C GLN A 186 8.26 14.15 23.07
N GLU A 187 7.26 14.22 23.94
CA GLU A 187 7.31 14.96 25.21
C GLU A 187 8.51 14.52 26.08
N LEU A 188 8.75 13.22 26.12
CA LEU A 188 9.86 12.66 26.90
C LEU A 188 11.22 12.83 26.21
N GLY A 189 11.24 13.39 25.01
CA GLY A 189 12.48 13.68 24.30
C GLY A 189 12.96 12.69 23.26
N ALA A 190 12.13 11.74 22.88
CA ALA A 190 12.51 10.76 21.86
C ALA A 190 12.87 11.44 20.55
N ASP A 191 13.99 11.05 19.95
CA ASP A 191 14.37 11.58 18.63
C ASP A 191 13.42 11.05 17.56
N ILE A 192 12.99 9.79 17.71
CA ILE A 192 12.08 9.13 16.77
C ILE A 192 11.07 8.24 17.50
N PRO A 193 9.85 8.73 17.70
CA PRO A 193 8.80 7.92 18.29
C PRO A 193 8.45 6.75 17.35
N MET A 194 8.19 5.58 17.93
CA MET A 194 7.86 4.40 17.16
C MET A 194 6.78 3.56 17.85
N ILE A 195 5.84 3.07 17.05
CA ILE A 195 4.80 2.21 17.59
C ILE A 195 4.42 1.11 16.61
N ALA A 196 4.30 -0.10 17.15
CA ALA A 196 3.93 -1.28 16.40
C ALA A 196 2.70 -1.88 17.04
N VAL A 197 1.67 -2.12 16.22
CA VAL A 197 0.42 -2.68 16.72
C VAL A 197 -0.05 -3.84 15.83
N MET A 198 -0.89 -4.69 16.40
CA MET A 198 -1.38 -5.86 15.73
C MET A 198 -2.82 -5.70 15.28
N PRO A 199 -3.08 -5.85 13.98
CA PRO A 199 -4.46 -5.75 13.50
C PRO A 199 -5.23 -7.06 13.74
N GLN A 200 -6.49 -6.93 14.12
CA GLN A 200 -7.40 -8.07 14.24
C GLN A 200 -8.39 -8.02 13.08
N THR A 201 -8.51 -6.87 12.42
CA THR A 201 -9.40 -6.66 11.27
C THR A 201 -8.69 -5.77 10.25
N LYS A 202 -9.26 -5.65 9.05
CA LYS A 202 -8.66 -4.80 8.00
C LYS A 202 -8.74 -3.35 8.46
N ALA A 203 -9.87 -2.98 9.06
CA ALA A 203 -10.05 -1.62 9.57
C ALA A 203 -8.92 -1.22 10.51
N ASP A 204 -8.45 -2.16 11.34
CA ASP A 204 -7.35 -1.87 12.28
C ASP A 204 -6.12 -1.37 11.54
N VAL A 205 -5.87 -1.88 10.34
CA VAL A 205 -4.70 -1.45 9.55
C VAL A 205 -4.88 0.03 9.21
N LEU A 206 -6.10 0.39 8.79
CA LEU A 206 -6.41 1.77 8.45
C LEU A 206 -6.34 2.68 9.67
N THR A 207 -6.73 2.16 10.83
CA THR A 207 -6.63 2.90 12.08
C THR A 207 -5.18 3.31 12.37
N LEU A 208 -4.25 2.39 12.17
CA LEU A 208 -2.84 2.69 12.40
C LEU A 208 -2.36 3.76 11.42
N LEU A 209 -2.75 3.64 10.16
CA LEU A 209 -2.39 4.65 9.16
C LEU A 209 -3.03 6.02 9.46
N THR A 210 -4.27 6.02 9.94
CA THR A 210 -4.94 7.28 10.33
C THR A 210 -4.18 8.00 11.43
N ALA A 211 -3.71 7.25 12.43
CA ALA A 211 -2.96 7.81 13.53
C ALA A 211 -1.61 8.33 13.05
N THR A 212 -0.99 7.63 12.10
CA THR A 212 0.30 8.05 11.54
C THR A 212 0.13 9.41 10.88
N VAL A 213 -0.91 9.55 10.09
CA VAL A 213 -1.18 10.80 9.38
C VAL A 213 -1.45 11.95 10.35
N GLU A 214 -2.37 11.72 11.29
CA GLU A 214 -2.75 12.75 12.27
C GLU A 214 -1.55 13.21 13.10
N MET A 215 -0.72 12.26 13.56
CA MET A 215 0.46 12.61 14.36
C MET A 215 1.47 13.43 13.57
N GLN A 216 1.84 12.91 12.40
CA GLN A 216 2.86 13.51 11.58
C GLN A 216 2.47 14.90 11.07
N GLU A 217 1.18 15.08 10.77
CA GLU A 217 0.70 16.36 10.24
C GLU A 217 0.43 17.44 11.30
N ARG A 218 -0.13 17.05 12.45
CA ARG A 218 -0.52 18.02 13.47
C ARG A 218 0.37 18.18 14.71
N TYR A 219 1.14 17.15 15.08
CA TYR A 219 1.93 17.20 16.32
C TYR A 219 3.43 16.95 16.20
N ALA A 220 3.84 16.17 15.23
CA ALA A 220 5.26 15.82 15.10
C ALA A 220 6.18 16.96 14.65
N ASP A 221 7.35 17.07 15.29
CA ASP A 221 8.39 18.00 14.86
C ASP A 221 9.68 17.18 14.68
N ARG A 222 9.49 15.91 14.34
CA ARG A 222 10.60 14.98 14.15
C ARG A 222 10.02 13.76 13.43
N PRO A 223 10.90 12.87 12.95
CA PRO A 223 10.39 11.67 12.28
C PRO A 223 9.70 10.71 13.22
N ILE A 224 8.76 9.94 12.68
CA ILE A 224 8.11 8.88 13.43
C ILE A 224 8.14 7.60 12.61
N ILE A 225 8.09 6.46 13.30
CA ILE A 225 8.04 5.15 12.69
C ILE A 225 6.79 4.43 13.19
N THR A 226 5.93 3.97 12.28
CA THR A 226 4.75 3.21 12.66
C THR A 226 4.58 1.97 11.80
N MET A 227 3.92 0.96 12.37
CA MET A 227 3.62 -0.24 11.63
C MET A 227 2.46 -1.03 12.23
N SER A 228 1.66 -1.58 11.33
CA SER A 228 0.62 -2.54 11.63
C SER A 228 1.31 -3.86 11.25
N MET A 229 1.50 -4.73 12.23
CA MET A 229 2.19 -6.00 12.01
C MET A 229 1.30 -7.04 11.32
N SER A 230 1.92 -8.18 11.01
CA SER A 230 1.29 -9.33 10.34
C SER A 230 1.14 -9.10 8.84
N LYS A 231 0.90 -10.18 8.11
CA LYS A 231 0.69 -10.10 6.67
C LYS A 231 -0.45 -9.12 6.33
N THR A 232 -1.49 -9.08 7.17
CA THR A 232 -2.62 -8.18 6.95
C THR A 232 -2.23 -6.69 6.98
N GLY A 233 -1.21 -6.35 7.77
CA GLY A 233 -0.79 -4.96 7.88
C GLY A 233 0.41 -4.56 7.04
N VAL A 234 0.89 -5.43 6.16
CA VAL A 234 2.13 -5.16 5.41
C VAL A 234 2.14 -3.85 4.60
N ILE A 235 0.98 -3.37 4.17
CA ILE A 235 0.92 -2.13 3.41
C ILE A 235 1.46 -0.95 4.25
N SER A 236 1.33 -1.06 5.58
CA SER A 236 1.82 -0.01 6.46
C SER A 236 3.36 0.02 6.44
N ARG A 237 4.00 -1.08 6.05
CA ARG A 237 5.47 -1.17 5.96
C ARG A 237 5.98 -0.68 4.59
N LEU A 238 5.07 -0.45 3.66
CA LEU A 238 5.43 -0.05 2.31
C LEU A 238 5.05 1.39 1.93
N ALA A 239 3.97 1.91 2.50
CA ALA A 239 3.46 3.23 2.12
C ALA A 239 3.91 4.39 3.02
N GLY A 240 5.09 4.27 3.61
CA GLY A 240 5.59 5.29 4.53
C GLY A 240 5.82 6.69 3.95
N GLU A 241 6.22 6.75 2.68
CA GLU A 241 6.52 8.03 2.07
C GLU A 241 5.29 8.92 2.03
N VAL A 242 4.16 8.37 1.60
CA VAL A 242 2.93 9.15 1.55
C VAL A 242 2.33 9.37 2.93
N PHE A 243 2.20 8.33 3.74
CA PHE A 243 1.52 8.49 5.05
C PHE A 243 2.36 9.03 6.18
N GLY A 244 3.69 8.94 6.09
CA GLY A 244 4.54 9.60 7.08
C GLY A 244 5.33 8.78 8.06
N SER A 245 5.59 7.51 7.77
CA SER A 245 6.43 6.69 8.61
C SER A 245 7.82 6.79 7.96
N ALA A 246 8.82 7.17 8.74
CA ALA A 246 10.18 7.45 8.26
C ALA A 246 11.06 6.25 8.02
N ALA A 247 10.70 5.10 8.54
CA ALA A 247 11.53 3.91 8.39
C ALA A 247 10.67 2.67 8.44
N THR A 248 11.21 1.58 7.94
CA THR A 248 10.47 0.33 7.84
C THR A 248 11.42 -0.84 7.98
N PHE A 249 10.96 -1.88 8.67
CA PHE A 249 11.76 -3.08 8.90
C PHE A 249 11.59 -4.17 7.85
N GLY A 250 12.71 -4.69 7.35
CA GLY A 250 12.70 -5.78 6.39
C GLY A 250 13.44 -6.96 7.00
N ALA A 251 13.33 -8.13 6.37
CA ALA A 251 14.00 -9.35 6.84
C ALA A 251 15.11 -9.80 5.88
N VAL A 252 16.24 -10.19 6.43
CA VAL A 252 17.35 -10.71 5.62
C VAL A 252 17.14 -12.22 5.46
N LYS A 253 17.29 -12.94 6.56
CA LYS A 253 17.10 -14.39 6.64
C LYS A 253 15.71 -14.68 7.18
N LYS A 254 15.43 -14.21 8.39
CA LYS A 254 14.10 -14.38 8.95
C LYS A 254 13.60 -13.11 9.64
N ALA A 255 12.29 -13.00 9.74
CA ALA A 255 11.63 -11.85 10.30
C ALA A 255 11.87 -11.69 11.80
N SER A 256 12.04 -10.45 12.24
CA SER A 256 12.21 -10.14 13.65
C SER A 256 10.85 -9.78 14.26
N ALA A 257 9.83 -9.70 13.39
CA ALA A 257 8.43 -9.49 13.80
C ALA A 257 7.51 -9.90 12.64
N PRO A 258 6.29 -10.32 12.95
CA PRO A 258 5.36 -10.73 11.87
C PRO A 258 5.03 -9.62 10.86
N GLY A 259 5.04 -9.96 9.57
CA GLY A 259 4.69 -9.00 8.54
C GLY A 259 5.84 -8.48 7.68
N GLN A 260 7.06 -8.55 8.19
CA GLN A 260 8.22 -8.08 7.45
C GLN A 260 8.42 -8.93 6.19
N ILE A 261 8.77 -8.28 5.09
CA ILE A 261 9.07 -8.99 3.84
C ILE A 261 10.57 -8.90 3.62
N SER A 262 11.08 -9.58 2.60
CA SER A 262 12.52 -9.58 2.35
C SER A 262 13.00 -8.16 2.03
N VAL A 263 14.22 -7.86 2.46
CA VAL A 263 14.85 -6.58 2.17
C VAL A 263 14.80 -6.26 0.68
N ALA A 264 15.03 -7.27 -0.16
CA ALA A 264 15.02 -7.06 -1.61
C ALA A 264 13.64 -6.61 -2.09
N ASP A 265 12.59 -7.30 -1.65
CA ASP A 265 11.22 -6.94 -2.04
C ASP A 265 10.83 -5.57 -1.47
N LEU A 266 11.27 -5.28 -0.25
CA LEU A 266 10.97 -4.00 0.38
C LEU A 266 11.63 -2.86 -0.42
N ARG A 267 12.91 -3.02 -0.74
CA ARG A 267 13.59 -1.99 -1.53
C ARG A 267 12.88 -1.80 -2.86
N THR A 268 12.46 -2.89 -3.49
CA THR A 268 11.79 -2.82 -4.78
C THR A 268 10.53 -1.95 -4.70
N VAL A 269 9.70 -2.19 -3.69
CA VAL A 269 8.45 -1.42 -3.53
C VAL A 269 8.72 0.05 -3.18
N LEU A 270 9.65 0.30 -2.26
CA LEU A 270 9.97 1.68 -1.87
C LEU A 270 10.44 2.49 -3.07
N THR A 271 11.26 1.87 -3.91
CA THR A 271 11.77 2.53 -5.09
C THR A 271 10.63 2.84 -6.06
N ILE A 272 9.75 1.87 -6.30
CA ILE A 272 8.62 2.06 -7.21
C ILE A 272 7.72 3.20 -6.72
N LEU A 273 7.49 3.27 -5.41
CA LEU A 273 6.65 4.31 -4.84
C LEU A 273 7.34 5.67 -4.77
N HIS A 274 8.67 5.68 -4.77
CA HIS A 274 9.38 6.95 -4.70
C HIS A 274 9.32 7.67 -6.04
N GLN A 275 9.40 6.89 -7.11
CA GLN A 275 9.37 7.42 -8.46
C GLN A 275 7.98 7.95 -8.79
N ASN B 17 -21.96 -14.73 -26.67
CA ASN B 17 -21.04 -14.63 -25.50
C ASN B 17 -21.61 -15.43 -24.34
N LEU B 18 -20.82 -15.55 -23.27
CA LEU B 18 -21.28 -16.21 -22.04
C LEU B 18 -20.22 -16.06 -20.94
N TYR B 19 -20.62 -15.43 -19.83
CA TYR B 19 -19.74 -15.22 -18.68
C TYR B 19 -20.41 -15.87 -17.48
N PHE B 20 -19.62 -16.18 -16.47
CA PHE B 20 -20.16 -16.82 -15.28
C PHE B 20 -20.09 -15.87 -14.10
N GLN B 21 -20.95 -16.08 -13.11
CA GLN B 21 -20.90 -15.28 -11.89
C GLN B 21 -21.36 -16.12 -10.71
N SER B 22 -20.62 -16.04 -9.62
CA SER B 22 -20.91 -16.81 -8.42
C SER B 22 -21.11 -15.87 -7.26
N ASN B 23 -22.37 -15.64 -6.91
CA ASN B 23 -22.70 -14.74 -5.82
C ASN B 23 -22.12 -15.25 -4.51
N ALA B 24 -22.18 -16.56 -4.28
CA ALA B 24 -21.66 -17.14 -3.05
C ALA B 24 -20.13 -16.94 -2.90
N MET B 25 -19.40 -17.05 -4.01
CA MET B 25 -17.94 -16.86 -4.02
C MET B 25 -17.51 -15.42 -4.36
N LYS B 26 -18.47 -14.58 -4.68
CA LYS B 26 -18.23 -13.17 -5.04
C LYS B 26 -17.29 -13.01 -6.23
N THR B 27 -17.48 -13.83 -7.25
CA THR B 27 -16.67 -13.77 -8.45
C THR B 27 -17.49 -13.57 -9.72
N VAL B 28 -16.79 -13.11 -10.75
CA VAL B 28 -17.34 -12.93 -12.09
C VAL B 28 -16.24 -13.45 -13.02
N THR B 29 -16.58 -14.42 -13.84
CA THR B 29 -15.59 -15.04 -14.73
C THR B 29 -15.88 -14.69 -16.18
N VAL B 30 -14.99 -13.87 -16.73
N VAL B 30 -14.93 -14.03 -16.83
CA VAL B 30 -15.08 -13.43 -18.11
CA VAL B 30 -15.06 -13.64 -18.24
C VAL B 30 -13.82 -13.94 -18.83
C VAL B 30 -13.88 -14.21 -19.06
N ARG B 31 -14.01 -14.64 -19.96
N ARG B 31 -14.14 -14.99 -20.12
CA ARG B 31 -12.90 -15.22 -20.75
CA ARG B 31 -13.03 -15.50 -20.93
C ARG B 31 -11.94 -16.04 -19.89
C ARG B 31 -11.98 -16.18 -20.05
N ASP B 32 -12.44 -16.97 -19.08
CA ASP B 32 -11.56 -17.73 -18.18
C ASP B 32 -10.82 -16.89 -17.10
N LEU B 33 -11.02 -15.57 -17.08
CA LEU B 33 -10.39 -14.70 -16.06
C LEU B 33 -11.35 -14.62 -14.87
N VAL B 34 -10.89 -15.06 -13.70
CA VAL B 34 -11.76 -15.04 -12.51
C VAL B 34 -11.56 -13.76 -11.70
N VAL B 35 -12.43 -12.79 -11.92
CA VAL B 35 -12.36 -11.54 -11.20
C VAL B 35 -12.96 -11.76 -9.82
N GLY B 36 -12.21 -11.36 -8.78
CA GLY B 36 -12.67 -11.48 -7.39
C GLY B 36 -11.99 -12.60 -6.62
N GLU B 37 -11.01 -13.23 -7.26
CA GLU B 37 -10.26 -14.33 -6.68
C GLU B 37 -8.77 -14.03 -6.82
N GLY B 38 -7.99 -14.37 -5.79
CA GLY B 38 -6.54 -14.19 -5.83
C GLY B 38 -6.08 -12.74 -5.92
N ALA B 39 -4.98 -12.51 -6.63
CA ALA B 39 -4.43 -11.17 -6.77
C ALA B 39 -5.36 -10.32 -7.65
N PRO B 40 -5.41 -8.99 -7.42
CA PRO B 40 -6.24 -8.11 -8.25
C PRO B 40 -5.84 -8.17 -9.71
N LYS B 41 -6.82 -8.06 -10.60
CA LYS B 41 -6.58 -8.11 -12.05
C LYS B 41 -6.21 -6.74 -12.62
N ILE B 42 -5.33 -6.71 -13.62
CA ILE B 42 -4.87 -5.46 -14.22
C ILE B 42 -5.67 -5.06 -15.44
N ILE B 43 -6.18 -3.85 -15.42
CA ILE B 43 -6.91 -3.30 -16.55
C ILE B 43 -6.07 -2.16 -17.15
N VAL B 44 -5.98 -2.12 -18.48
CA VAL B 44 -5.31 -1.05 -19.18
C VAL B 44 -6.29 -0.43 -20.17
N SER B 45 -6.08 0.85 -20.49
CA SER B 45 -6.99 1.59 -21.34
C SER B 45 -6.38 1.93 -22.68
N LEU B 46 -7.10 1.61 -23.75
CA LEU B 46 -6.70 1.93 -25.12
C LEU B 46 -7.42 3.24 -25.48
N MET B 47 -6.64 4.24 -25.91
CA MET B 47 -7.15 5.58 -26.18
C MET B 47 -6.76 6.11 -27.56
N GLY B 48 -7.37 5.60 -28.62
CA GLY B 48 -7.05 6.06 -29.97
C GLY B 48 -8.12 6.96 -30.57
N LYS B 49 -7.68 8.01 -31.24
CA LYS B 49 -8.61 8.96 -31.86
C LYS B 49 -9.21 8.40 -33.14
N THR B 50 -8.39 7.68 -33.93
CA THR B 50 -8.81 7.08 -35.20
C THR B 50 -8.56 5.58 -35.22
N ILE B 51 -8.94 4.92 -36.32
CA ILE B 51 -8.73 3.48 -36.49
C ILE B 51 -7.25 3.11 -36.44
N THR B 52 -6.42 3.89 -37.13
CA THR B 52 -4.96 3.68 -37.13
C THR B 52 -4.46 3.61 -35.70
N ASP B 53 -4.82 4.64 -34.93
CA ASP B 53 -4.40 4.74 -33.52
C ASP B 53 -4.85 3.54 -32.71
N VAL B 54 -6.12 3.16 -32.89
CA VAL B 54 -6.69 2.03 -32.17
C VAL B 54 -5.92 0.75 -32.51
N LYS B 55 -5.65 0.55 -33.79
CA LYS B 55 -4.91 -0.63 -34.24
C LYS B 55 -3.47 -0.64 -33.71
N SER B 56 -2.76 0.46 -33.87
CA SER B 56 -1.37 0.56 -33.39
C SER B 56 -1.28 0.22 -31.90
N GLU B 57 -2.17 0.80 -31.12
CA GLU B 57 -2.18 0.58 -29.68
C GLU B 57 -2.43 -0.87 -29.33
N ALA B 58 -3.41 -1.48 -29.98
CA ALA B 58 -3.75 -2.87 -29.75
C ALA B 58 -2.51 -3.76 -29.97
N LEU B 59 -1.80 -3.51 -31.06
CA LEU B 59 -0.60 -4.29 -31.38
C LEU B 59 0.47 -4.13 -30.31
N ALA B 60 0.71 -2.90 -29.88
CA ALA B 60 1.69 -2.63 -28.83
C ALA B 60 1.25 -3.22 -27.49
N TYR B 61 -0.02 -3.02 -27.14
CA TYR B 61 -0.58 -3.52 -25.89
C TYR B 61 -0.47 -5.05 -25.79
N ARG B 62 -0.42 -5.73 -26.94
CA ARG B 62 -0.32 -7.18 -26.96
C ARG B 62 0.96 -7.65 -26.25
N GLU B 63 1.97 -6.79 -26.20
CA GLU B 63 3.23 -7.11 -25.54
C GLU B 63 3.19 -6.90 -24.02
N ALA B 64 2.22 -6.12 -23.54
CA ALA B 64 2.11 -5.81 -22.10
C ALA B 64 1.42 -6.91 -21.31
N ASP B 65 1.73 -7.00 -20.02
CA ASP B 65 1.15 -8.00 -19.14
C ASP B 65 -0.08 -7.42 -18.42
N PHE B 66 -1.26 -7.61 -19.01
CA PHE B 66 -2.50 -7.11 -18.42
C PHE B 66 -3.57 -8.19 -18.53
N ASP B 67 -4.67 -8.00 -17.81
CA ASP B 67 -5.73 -9.00 -17.79
C ASP B 67 -6.96 -8.60 -18.58
N ILE B 68 -7.30 -7.31 -18.52
CA ILE B 68 -8.49 -6.79 -19.20
C ILE B 68 -8.14 -5.56 -19.99
N LEU B 69 -8.65 -5.49 -21.23
CA LEU B 69 -8.42 -4.35 -22.10
CA LEU B 69 -8.43 -4.34 -22.09
CA LEU B 69 -8.42 -4.34 -22.08
C LEU B 69 -9.67 -3.46 -22.10
N GLU B 70 -9.50 -2.21 -21.67
CA GLU B 70 -10.60 -1.26 -21.67
C GLU B 70 -10.43 -0.37 -22.89
N TRP B 71 -11.47 -0.27 -23.71
CA TRP B 71 -11.42 0.64 -24.84
C TRP B 71 -12.14 1.91 -24.41
N ARG B 72 -11.39 3.00 -24.24
CA ARG B 72 -11.96 4.30 -23.87
C ARG B 72 -12.52 4.94 -25.14
N VAL B 73 -13.80 4.65 -25.38
CA VAL B 73 -14.51 5.06 -26.58
C VAL B 73 -14.67 6.56 -26.67
N ASP B 74 -14.67 7.24 -25.52
CA ASP B 74 -14.77 8.70 -25.52
C ASP B 74 -13.54 9.37 -26.17
N HIS B 75 -12.42 8.66 -26.32
CA HIS B 75 -11.25 9.21 -27.05
C HIS B 75 -11.39 9.07 -28.57
N PHE B 76 -12.37 8.28 -29.02
CA PHE B 76 -12.59 8.00 -30.45
C PHE B 76 -13.41 9.12 -31.11
N ALA B 77 -12.84 9.71 -32.16
CA ALA B 77 -13.45 10.85 -32.83
C ALA B 77 -14.79 10.56 -33.51
N ASN B 78 -14.90 9.39 -34.13
CA ASN B 78 -16.13 9.01 -34.84
C ASN B 78 -17.08 8.17 -33.98
N VAL B 79 -17.13 8.49 -32.70
CA VAL B 79 -17.98 7.76 -31.76
C VAL B 79 -19.48 7.78 -32.14
N THR B 80 -19.93 8.80 -32.88
CA THR B 80 -21.35 8.89 -33.27
C THR B 80 -21.67 8.22 -34.61
N THR B 81 -20.65 7.64 -35.25
CA THR B 81 -20.83 6.92 -36.51
C THR B 81 -20.79 5.43 -36.20
N ALA B 82 -21.97 4.79 -36.20
CA ALA B 82 -22.12 3.37 -35.86
C ALA B 82 -21.11 2.45 -36.53
N GLU B 83 -20.94 2.59 -37.84
CA GLU B 83 -20.04 1.70 -38.56
C GLU B 83 -18.57 1.85 -38.15
N SER B 84 -18.15 3.06 -37.78
CA SER B 84 -16.76 3.30 -37.36
C SER B 84 -16.49 2.62 -36.01
N VAL B 85 -17.43 2.73 -35.11
CA VAL B 85 -17.31 2.11 -33.79
C VAL B 85 -17.20 0.61 -33.93
N LEU B 86 -18.00 0.06 -34.84
CA LEU B 86 -18.03 -1.37 -35.08
CA LEU B 86 -18.01 -1.38 -35.06
C LEU B 86 -16.71 -1.82 -35.71
N GLU B 87 -16.19 -1.02 -36.65
CA GLU B 87 -14.93 -1.33 -37.32
C GLU B 87 -13.78 -1.32 -36.28
N ALA B 88 -13.77 -0.33 -35.39
CA ALA B 88 -12.71 -0.24 -34.37
C ALA B 88 -12.78 -1.39 -33.36
N ALA B 89 -13.99 -1.74 -32.91
CA ALA B 89 -14.16 -2.85 -31.97
C ALA B 89 -13.70 -4.15 -32.59
N GLY B 90 -14.07 -4.35 -33.86
CA GLY B 90 -13.66 -5.53 -34.60
C GLY B 90 -12.15 -5.61 -34.75
N ALA B 91 -11.52 -4.47 -34.99
CA ALA B 91 -10.06 -4.41 -35.14
C ALA B 91 -9.36 -4.81 -33.84
N ILE B 92 -9.86 -4.31 -32.72
CA ILE B 92 -9.31 -4.66 -31.39
C ILE B 92 -9.43 -6.16 -31.10
N ARG B 93 -10.61 -6.72 -31.39
CA ARG B 93 -10.84 -8.14 -31.16
CA ARG B 93 -10.89 -8.15 -31.20
C ARG B 93 -9.93 -9.02 -32.02
N GLU B 94 -9.65 -8.58 -33.24
CA GLU B 94 -8.77 -9.32 -34.17
C GLU B 94 -7.35 -9.41 -33.65
N ILE B 95 -6.91 -8.38 -32.95
CA ILE B 95 -5.54 -8.30 -32.42
C ILE B 95 -5.42 -8.92 -31.03
N ILE B 96 -6.30 -8.51 -30.12
CA ILE B 96 -6.32 -9.05 -28.75
C ILE B 96 -7.47 -10.05 -28.69
N THR B 97 -7.13 -11.32 -28.89
CA THR B 97 -8.12 -12.41 -28.96
C THR B 97 -8.30 -13.21 -27.67
N ASP B 98 -7.40 -13.03 -26.71
CA ASP B 98 -7.42 -13.84 -25.47
C ASP B 98 -7.71 -13.10 -24.15
N LYS B 99 -8.11 -11.82 -24.23
N LYS B 99 -8.10 -11.83 -24.23
CA LYS B 99 -8.38 -11.02 -23.03
CA LYS B 99 -8.39 -11.03 -23.03
C LYS B 99 -9.79 -10.44 -23.10
C LYS B 99 -9.79 -10.43 -23.10
N PRO B 100 -10.46 -10.29 -21.95
CA PRO B 100 -11.78 -9.65 -21.98
C PRO B 100 -11.67 -8.21 -22.49
N LEU B 101 -12.63 -7.81 -23.32
CA LEU B 101 -12.69 -6.44 -23.84
C LEU B 101 -13.83 -5.72 -23.15
N LEU B 102 -13.49 -4.60 -22.51
CA LEU B 102 -14.42 -3.76 -21.79
C LEU B 102 -14.66 -2.50 -22.62
N PHE B 103 -15.92 -2.24 -22.94
CA PHE B 103 -16.31 -1.07 -23.74
C PHE B 103 -16.69 0.06 -22.80
N THR B 104 -15.93 1.16 -22.82
CA THR B 104 -16.20 2.29 -21.91
C THR B 104 -16.28 3.68 -22.54
N PHE B 105 -17.47 4.26 -22.59
CA PHE B 105 -17.58 5.65 -22.99
C PHE B 105 -17.62 6.40 -21.67
N ARG B 106 -16.52 7.08 -21.35
CA ARG B 106 -16.44 7.86 -20.12
C ARG B 106 -16.86 9.28 -20.44
N SER B 107 -17.91 9.76 -19.79
CA SER B 107 -18.40 11.13 -20.03
C SER B 107 -17.41 12.17 -19.48
N ALA B 108 -17.44 13.38 -20.07
CA ALA B 108 -16.52 14.46 -19.69
C ALA B 108 -16.57 14.79 -18.20
N LYS B 109 -17.77 14.88 -17.64
CA LYS B 109 -17.91 15.18 -16.21
C LYS B 109 -17.35 14.13 -15.27
N GLU B 110 -17.16 12.91 -15.78
CA GLU B 110 -16.59 11.84 -14.98
C GLU B 110 -15.17 11.49 -15.43
N GLY B 111 -14.53 12.44 -16.11
CA GLY B 111 -13.12 12.29 -16.54
C GLY B 111 -12.86 11.93 -17.99
N GLY B 112 -13.90 11.97 -18.81
CA GLY B 112 -13.80 11.63 -20.23
C GLY B 112 -13.44 12.79 -21.15
N GLU B 113 -13.41 12.52 -22.45
CA GLU B 113 -13.01 13.50 -23.46
C GLU B 113 -14.16 14.07 -24.30
N GLN B 114 -15.33 13.48 -24.19
CA GLN B 114 -16.50 13.94 -24.94
C GLN B 114 -17.73 13.76 -24.06
N ALA B 115 -18.85 14.28 -24.55
CA ALA B 115 -20.12 14.22 -23.86
C ALA B 115 -21.20 13.89 -24.87
N LEU B 116 -22.14 13.03 -24.47
CA LEU B 116 -23.25 12.64 -25.33
C LEU B 116 -24.54 12.83 -24.56
N THR B 117 -25.66 12.87 -25.28
CA THR B 117 -26.95 12.96 -24.63
C THR B 117 -27.22 11.58 -24.06
N THR B 118 -28.13 11.51 -23.10
CA THR B 118 -28.50 10.25 -22.51
C THR B 118 -28.90 9.26 -23.61
N GLY B 119 -29.71 9.74 -24.56
CA GLY B 119 -30.17 8.91 -25.68
C GLY B 119 -29.02 8.36 -26.51
N GLN B 120 -28.08 9.21 -26.89
CA GLN B 120 -26.92 8.77 -27.67
C GLN B 120 -26.08 7.74 -26.91
N TYR B 121 -25.89 7.99 -25.62
CA TYR B 121 -25.09 7.12 -24.76
C TYR B 121 -25.72 5.72 -24.59
N ILE B 122 -27.02 5.67 -24.33
CA ILE B 122 -27.73 4.41 -24.17
C ILE B 122 -27.68 3.62 -25.50
N ASP B 123 -27.91 4.33 -26.61
CA ASP B 123 -27.91 3.71 -27.92
C ASP B 123 -26.51 3.18 -28.27
N LEU B 124 -25.48 3.93 -27.86
CA LEU B 124 -24.08 3.52 -28.11
C LEU B 124 -23.76 2.20 -27.40
N ASN B 125 -24.16 2.11 -26.15
CA ASN B 125 -23.93 0.91 -25.38
C ASN B 125 -24.79 -0.27 -25.84
N ARG B 126 -26.01 0.00 -26.29
CA ARG B 126 -26.84 -1.10 -26.78
C ARG B 126 -26.22 -1.67 -28.06
N ALA B 127 -25.72 -0.78 -28.92
CA ALA B 127 -25.07 -1.21 -30.16
C ALA B 127 -23.80 -2.00 -29.85
N ALA B 128 -23.07 -1.59 -28.82
CA ALA B 128 -21.87 -2.33 -28.42
C ALA B 128 -22.27 -3.72 -27.93
N VAL B 129 -23.34 -3.81 -27.13
CA VAL B 129 -23.83 -5.10 -26.64
C VAL B 129 -24.24 -6.00 -27.82
N ASP B 130 -24.98 -5.42 -28.78
CA ASP B 130 -25.46 -6.14 -29.96
C ASP B 130 -24.34 -6.73 -30.81
N SER B 131 -23.20 -6.04 -30.87
CA SER B 131 -22.10 -6.45 -31.74
C SER B 131 -21.50 -7.83 -31.45
N GLY B 132 -21.54 -8.26 -30.19
CA GLY B 132 -20.94 -9.53 -29.78
C GLY B 132 -19.41 -9.42 -29.70
N LEU B 133 -18.89 -8.22 -29.94
CA LEU B 133 -17.46 -7.97 -29.96
C LEU B 133 -16.89 -7.59 -28.60
N VAL B 134 -17.73 -7.19 -27.65
CA VAL B 134 -17.22 -6.83 -26.34
C VAL B 134 -17.79 -7.75 -25.28
N ASP B 135 -16.96 -8.05 -24.29
CA ASP B 135 -17.30 -8.93 -23.20
C ASP B 135 -18.00 -8.21 -22.07
N MET B 136 -17.69 -6.92 -21.92
CA MET B 136 -18.23 -6.11 -20.84
C MET B 136 -18.47 -4.68 -21.30
N ILE B 137 -19.41 -4.01 -20.65
CA ILE B 137 -19.62 -2.59 -20.89
C ILE B 137 -19.54 -1.88 -19.55
N ASP B 138 -19.21 -0.59 -19.60
CA ASP B 138 -19.16 0.25 -18.44
C ASP B 138 -20.39 1.14 -18.52
N LEU B 139 -21.17 1.19 -17.45
CA LEU B 139 -22.33 2.06 -17.39
C LEU B 139 -22.19 2.98 -16.20
N GLU B 140 -22.32 4.28 -16.43
CA GLU B 140 -22.19 5.26 -15.37
C GLU B 140 -23.47 5.34 -14.56
N LEU B 141 -23.32 5.23 -13.24
CA LEU B 141 -24.43 5.28 -12.31
C LEU B 141 -25.30 6.51 -12.48
N PHE B 142 -24.69 7.69 -12.67
CA PHE B 142 -25.46 8.92 -12.79
C PHE B 142 -26.24 9.09 -14.09
N THR B 143 -26.33 8.03 -14.89
CA THR B 143 -27.14 8.05 -16.11
C THR B 143 -28.65 7.96 -15.79
N GLY B 144 -28.99 7.59 -14.55
CA GLY B 144 -30.39 7.50 -14.11
C GLY B 144 -30.84 6.06 -13.88
N ASP B 145 -31.49 5.83 -12.72
CA ASP B 145 -31.96 4.48 -12.33
C ASP B 145 -32.72 3.72 -13.42
N ASP B 146 -33.68 4.38 -14.07
CA ASP B 146 -34.51 3.74 -15.11
C ASP B 146 -33.72 3.28 -16.33
N GLU B 147 -32.94 4.20 -16.89
CA GLU B 147 -32.14 3.92 -18.08
C GLU B 147 -31.05 2.90 -17.75
N VAL B 148 -30.42 3.07 -16.58
CA VAL B 148 -29.36 2.18 -16.16
C VAL B 148 -29.87 0.77 -15.92
N LYS B 149 -30.95 0.63 -15.16
CA LYS B 149 -31.49 -0.69 -14.88
C LYS B 149 -31.91 -1.39 -16.18
N ALA B 150 -32.54 -0.65 -17.08
CA ALA B 150 -32.99 -1.21 -18.35
C ALA B 150 -31.81 -1.67 -19.20
N THR B 151 -30.72 -0.90 -19.17
CA THR B 151 -29.55 -1.21 -19.99
C THR B 151 -28.72 -2.38 -19.41
N VAL B 152 -28.71 -2.50 -18.08
CA VAL B 152 -28.06 -3.61 -17.42
C VAL B 152 -28.81 -4.88 -17.82
N GLY B 153 -30.14 -4.82 -17.73
CA GLY B 153 -30.97 -5.94 -18.12
C GLY B 153 -30.69 -6.35 -19.56
N TYR B 154 -30.52 -5.36 -20.42
CA TYR B 154 -30.26 -5.55 -21.85
C TYR B 154 -28.92 -6.25 -22.08
N ALA B 155 -27.87 -5.76 -21.44
CA ALA B 155 -26.54 -6.39 -21.57
C ALA B 155 -26.60 -7.85 -21.11
N HIS B 156 -27.23 -8.10 -19.95
CA HIS B 156 -27.34 -9.46 -19.43
C HIS B 156 -28.12 -10.40 -20.36
N GLN B 157 -29.16 -9.88 -21.03
CA GLN B 157 -29.91 -10.69 -22.00
C GLN B 157 -29.01 -11.15 -23.14
N HIS B 158 -27.93 -10.40 -23.39
CA HIS B 158 -26.95 -10.72 -24.45
C HIS B 158 -25.64 -11.32 -23.93
N ASN B 159 -25.62 -11.72 -22.66
CA ASN B 159 -24.43 -12.31 -22.04
C ASN B 159 -23.22 -11.38 -22.02
N VAL B 160 -23.49 -10.10 -21.77
CA VAL B 160 -22.44 -9.10 -21.63
C VAL B 160 -22.47 -8.63 -20.17
N ALA B 161 -21.33 -8.66 -19.50
CA ALA B 161 -21.26 -8.23 -18.09
C ALA B 161 -21.15 -6.73 -18.00
N VAL B 162 -21.57 -6.19 -16.84
CA VAL B 162 -21.57 -4.75 -16.63
C VAL B 162 -20.72 -4.29 -15.44
N ILE B 163 -19.80 -3.36 -15.70
CA ILE B 163 -19.08 -2.69 -14.65
C ILE B 163 -19.83 -1.35 -14.52
N MET B 164 -20.43 -1.09 -13.37
CA MET B 164 -21.14 0.18 -13.19
C MET B 164 -20.18 1.09 -12.46
N SER B 165 -20.08 2.33 -12.92
CA SER B 165 -19.07 3.25 -12.41
C SER B 165 -19.57 4.62 -11.98
N ASN B 166 -18.82 5.20 -11.04
CA ASN B 166 -19.08 6.54 -10.54
C ASN B 166 -17.72 7.16 -10.27
N HIS B 167 -17.61 8.48 -10.47
CA HIS B 167 -16.35 9.17 -10.28
C HIS B 167 -16.56 10.54 -9.71
N ASP B 168 -15.60 10.98 -8.92
CA ASP B 168 -15.61 12.34 -8.40
C ASP B 168 -14.18 12.81 -8.50
N PHE B 169 -13.91 13.65 -9.50
CA PHE B 169 -12.57 14.15 -9.74
C PHE B 169 -12.14 15.33 -8.87
N HIS B 170 -13.04 15.88 -8.06
CA HIS B 170 -12.67 17.02 -7.20
C HIS B 170 -12.57 16.71 -5.71
N LYS B 171 -13.29 15.70 -5.24
CA LYS B 171 -13.29 15.40 -3.82
C LYS B 171 -13.61 13.94 -3.51
N THR B 172 -13.54 13.61 -2.22
CA THR B 172 -13.83 12.27 -1.71
C THR B 172 -15.06 12.38 -0.81
N PRO B 173 -16.20 11.78 -1.24
CA PRO B 173 -17.36 11.86 -0.35
C PRO B 173 -17.13 11.04 0.93
N ALA B 174 -18.00 11.23 1.92
CA ALA B 174 -17.86 10.50 3.17
C ALA B 174 -17.99 9.01 2.89
N ALA B 175 -17.28 8.19 3.66
CA ALA B 175 -17.31 6.74 3.45
C ALA B 175 -18.73 6.21 3.31
N GLU B 176 -19.64 6.73 4.12
CA GLU B 176 -21.03 6.29 4.11
C GLU B 176 -21.70 6.53 2.75
N GLU B 177 -21.40 7.66 2.12
CA GLU B 177 -21.94 7.99 0.81
C GLU B 177 -21.31 7.09 -0.26
N ILE B 178 -20.01 6.82 -0.12
CA ILE B 178 -19.32 5.93 -1.06
C ILE B 178 -19.94 4.55 -1.03
N VAL B 179 -20.16 4.03 0.18
CA VAL B 179 -20.79 2.73 0.38
C VAL B 179 -22.21 2.72 -0.18
N GLN B 180 -22.95 3.82 0.01
CA GLN B 180 -24.31 3.92 -0.50
C GLN B 180 -24.33 3.81 -2.03
N ARG B 181 -23.39 4.44 -2.71
CA ARG B 181 -23.34 4.38 -4.16
C ARG B 181 -22.97 2.98 -4.65
N LEU B 182 -22.02 2.32 -3.98
CA LEU B 182 -21.64 0.97 -4.35
C LEU B 182 -22.81 0.00 -4.13
N ARG B 183 -23.54 0.18 -3.03
CA ARG B 183 -24.70 -0.67 -2.79
C ARG B 183 -25.79 -0.43 -3.85
N LYS B 184 -25.97 0.83 -4.24
CA LYS B 184 -26.96 1.18 -5.26
C LYS B 184 -26.61 0.47 -6.57
N MET B 185 -25.34 0.54 -6.96
CA MET B 185 -24.90 -0.13 -8.19
C MET B 185 -25.25 -1.61 -8.12
N GLN B 186 -24.99 -2.22 -6.97
CA GLN B 186 -25.29 -3.63 -6.78
C GLN B 186 -26.80 -3.87 -6.94
N GLU B 187 -27.60 -2.99 -6.33
CA GLU B 187 -29.05 -3.06 -6.41
C GLU B 187 -29.53 -2.98 -7.87
N LEU B 188 -28.89 -2.12 -8.66
CA LEU B 188 -29.24 -1.93 -10.07
C LEU B 188 -28.81 -3.10 -10.98
N GLY B 189 -28.11 -4.07 -10.43
CA GLY B 189 -27.71 -5.26 -11.19
C GLY B 189 -26.28 -5.29 -11.70
N ALA B 190 -25.48 -4.29 -11.31
CA ALA B 190 -24.08 -4.25 -11.73
C ALA B 190 -23.34 -5.52 -11.34
N ASP B 191 -22.61 -6.11 -12.28
CA ASP B 191 -21.79 -7.28 -11.98
C ASP B 191 -20.60 -6.90 -11.12
N ILE B 192 -20.05 -5.70 -11.40
CA ILE B 192 -18.92 -5.18 -10.64
C ILE B 192 -19.09 -3.68 -10.40
N PRO B 193 -19.52 -3.29 -9.19
CA PRO B 193 -19.56 -1.87 -8.85
C PRO B 193 -18.16 -1.29 -8.81
N MET B 194 -17.99 -0.08 -9.33
CA MET B 194 -16.70 0.58 -9.34
C MET B 194 -16.83 2.05 -9.03
N ILE B 195 -15.89 2.57 -8.24
CA ILE B 195 -15.88 3.99 -7.93
C ILE B 195 -14.47 4.53 -7.81
N ALA B 196 -14.28 5.73 -8.35
CA ALA B 196 -13.01 6.41 -8.34
C ALA B 196 -13.23 7.80 -7.76
N VAL B 197 -12.46 8.15 -6.74
CA VAL B 197 -12.57 9.46 -6.08
C VAL B 197 -11.20 10.15 -5.98
N MET B 198 -11.24 11.47 -5.84
CA MET B 198 -10.02 12.27 -5.77
C MET B 198 -9.75 12.73 -4.35
N PRO B 199 -8.59 12.36 -3.79
CA PRO B 199 -8.31 12.83 -2.45
C PRO B 199 -7.82 14.29 -2.43
N GLN B 200 -8.23 15.05 -1.42
CA GLN B 200 -7.74 16.41 -1.21
C GLN B 200 -6.72 16.38 -0.06
N THR B 201 -6.74 15.29 0.71
CA THR B 201 -5.85 15.08 1.86
C THR B 201 -5.48 13.60 1.96
N LYS B 202 -4.49 13.30 2.79
CA LYS B 202 -4.09 11.91 3.02
C LYS B 202 -5.20 11.11 3.64
N ALA B 203 -5.94 11.71 4.57
CA ALA B 203 -7.08 11.07 5.19
C ALA B 203 -8.12 10.62 4.16
N ASP B 204 -8.32 11.42 3.11
CA ASP B 204 -9.28 11.07 2.07
C ASP B 204 -8.96 9.71 1.42
N VAL B 205 -7.67 9.41 1.28
CA VAL B 205 -7.25 8.11 0.73
C VAL B 205 -7.72 6.99 1.67
N LEU B 206 -7.54 7.20 2.96
CA LEU B 206 -7.95 6.19 3.93
C LEU B 206 -9.47 6.06 3.99
N THR B 207 -10.18 7.16 3.75
CA THR B 207 -11.65 7.13 3.72
C THR B 207 -12.16 6.22 2.59
N LEU B 208 -11.50 6.29 1.44
CA LEU B 208 -11.84 5.44 0.29
C LEU B 208 -11.60 3.97 0.65
N LEU B 209 -10.46 3.68 1.29
CA LEU B 209 -10.15 2.31 1.72
C LEU B 209 -11.16 1.83 2.78
N THR B 210 -11.52 2.69 3.73
CA THR B 210 -12.51 2.36 4.74
C THR B 210 -13.82 1.91 4.10
N ALA B 211 -14.27 2.66 3.11
CA ALA B 211 -15.50 2.36 2.39
C ALA B 211 -15.42 1.04 1.63
N THR B 212 -14.25 0.80 1.04
CA THR B 212 -13.99 -0.42 0.28
C THR B 212 -14.15 -1.64 1.20
N VAL B 213 -13.51 -1.57 2.36
CA VAL B 213 -13.57 -2.65 3.33
C VAL B 213 -15.02 -2.87 3.79
N GLU B 214 -15.70 -1.80 4.17
CA GLU B 214 -17.08 -1.91 4.66
C GLU B 214 -18.02 -2.51 3.60
N MET B 215 -17.87 -2.08 2.35
CA MET B 215 -18.72 -2.59 1.29
C MET B 215 -18.46 -4.07 1.03
N GLN B 216 -17.20 -4.41 0.81
CA GLN B 216 -16.80 -5.77 0.49
C GLN B 216 -17.15 -6.76 1.61
N GLU B 217 -16.99 -6.34 2.87
CA GLU B 217 -17.25 -7.24 3.99
C GLU B 217 -18.72 -7.38 4.39
N ARG B 218 -19.48 -6.29 4.36
CA ARG B 218 -20.87 -6.31 4.83
C ARG B 218 -21.99 -6.36 3.80
N TYR B 219 -21.74 -5.90 2.57
CA TYR B 219 -22.82 -5.81 1.58
C TYR B 219 -22.60 -6.49 0.24
N ALA B 220 -21.35 -6.62 -0.19
CA ALA B 220 -21.08 -7.17 -1.51
C ALA B 220 -21.28 -8.69 -1.64
N ASP B 221 -21.99 -9.10 -2.69
CA ASP B 221 -22.09 -10.52 -3.03
C ASP B 221 -21.47 -10.65 -4.43
N ARG B 222 -20.50 -9.80 -4.71
CA ARG B 222 -19.82 -9.75 -6.00
C ARG B 222 -18.55 -8.89 -5.87
N PRO B 223 -17.68 -8.92 -6.88
CA PRO B 223 -16.48 -8.10 -6.79
C PRO B 223 -16.77 -6.62 -6.94
N ILE B 224 -15.92 -5.79 -6.34
CA ILE B 224 -16.00 -4.35 -6.49
C ILE B 224 -14.61 -3.85 -6.87
N ILE B 225 -14.55 -2.68 -7.49
CA ILE B 225 -13.32 -2.04 -7.87
C ILE B 225 -13.35 -0.63 -7.32
N THR B 226 -12.32 -0.26 -6.56
CA THR B 226 -12.24 1.09 -6.01
C THR B 226 -10.86 1.66 -6.15
N MET B 227 -10.80 2.99 -6.22
CA MET B 227 -9.53 3.67 -6.29
C MET B 227 -9.62 5.12 -5.80
N SER B 228 -8.54 5.54 -5.15
CA SER B 228 -8.33 6.92 -4.75
C SER B 228 -7.30 7.38 -5.78
N MET B 229 -7.67 8.36 -6.61
CA MET B 229 -6.80 8.82 -7.69
C MET B 229 -5.62 9.70 -7.20
N SER B 230 -4.73 10.01 -8.13
CA SER B 230 -3.53 10.85 -7.90
C SER B 230 -2.42 10.06 -7.24
N LYS B 231 -1.19 10.58 -7.30
CA LYS B 231 -0.05 9.92 -6.68
C LYS B 231 -0.31 9.67 -5.19
N THR B 232 -1.00 10.61 -4.56
CA THR B 232 -1.32 10.48 -3.13
C THR B 232 -2.16 9.24 -2.83
N GLY B 233 -3.03 8.84 -3.76
CA GLY B 233 -3.87 7.67 -3.54
C GLY B 233 -3.37 6.35 -4.15
N VAL B 234 -2.14 6.34 -4.65
CA VAL B 234 -1.61 5.17 -5.35
C VAL B 234 -1.71 3.86 -4.56
N ILE B 235 -1.64 3.94 -3.23
CA ILE B 235 -1.71 2.73 -2.40
C ILE B 235 -3.05 2.00 -2.60
N SER B 236 -4.10 2.75 -2.92
CA SER B 236 -5.41 2.17 -3.18
C SER B 236 -5.40 1.32 -4.48
N ARG B 237 -4.41 1.54 -5.34
CA ARG B 237 -4.30 0.77 -6.60
C ARG B 237 -3.45 -0.50 -6.42
N LEU B 238 -2.76 -0.60 -5.29
CA LEU B 238 -1.84 -1.70 -5.02
C LEU B 238 -2.30 -2.71 -3.99
N ALA B 239 -3.08 -2.25 -3.01
CA ALA B 239 -3.49 -3.10 -1.87
C ALA B 239 -4.88 -3.67 -1.99
N GLY B 240 -5.31 -3.95 -3.22
CA GLY B 240 -6.65 -4.46 -3.43
C GLY B 240 -6.90 -5.81 -2.82
N GLU B 241 -5.87 -6.64 -2.72
CA GLU B 241 -6.01 -7.99 -2.20
C GLU B 241 -6.42 -8.00 -0.73
N VAL B 242 -5.74 -7.21 0.09
N VAL B 242 -5.74 -7.22 0.09
CA VAL B 242 -6.07 -7.16 1.52
CA VAL B 242 -6.09 -7.16 1.51
C VAL B 242 -7.34 -6.36 1.80
C VAL B 242 -7.38 -6.39 1.75
N PHE B 243 -7.55 -5.24 1.10
CA PHE B 243 -8.73 -4.40 1.37
C PHE B 243 -10.01 -4.75 0.61
N GLY B 244 -9.89 -5.43 -0.53
CA GLY B 244 -11.08 -5.89 -1.24
C GLY B 244 -11.47 -5.26 -2.56
N SER B 245 -10.51 -4.71 -3.29
CA SER B 245 -10.75 -4.16 -4.65
C SER B 245 -10.23 -5.26 -5.58
N ALA B 246 -11.08 -5.72 -6.49
CA ALA B 246 -10.80 -6.87 -7.37
C ALA B 246 -9.95 -6.57 -8.62
N ALA B 247 -9.81 -5.31 -8.96
CA ALA B 247 -9.04 -4.94 -10.14
C ALA B 247 -8.44 -3.56 -9.95
N THR B 248 -7.45 -3.26 -10.77
CA THR B 248 -6.72 -2.01 -10.66
C THR B 248 -6.21 -1.64 -12.05
N PHE B 249 -6.17 -0.33 -12.33
CA PHE B 249 -5.73 0.16 -13.62
C PHE B 249 -4.25 0.55 -13.65
N GLY B 250 -3.58 0.13 -14.73
CA GLY B 250 -2.17 0.44 -14.96
C GLY B 250 -2.03 1.18 -16.28
N ALA B 251 -0.87 1.79 -16.48
CA ALA B 251 -0.58 2.54 -17.69
C ALA B 251 0.43 1.80 -18.55
N VAL B 252 0.17 1.75 -19.85
CA VAL B 252 1.09 1.12 -20.77
C VAL B 252 2.15 2.17 -21.10
N LYS B 253 1.70 3.27 -21.71
CA LYS B 253 2.58 4.40 -22.04
C LYS B 253 2.02 5.75 -21.59
N LYS B 254 0.69 5.86 -21.53
CA LYS B 254 0.01 7.07 -21.07
C LYS B 254 -1.06 6.66 -20.05
N ALA B 255 -1.16 7.36 -18.94
CA ALA B 255 -2.19 7.03 -17.94
C ALA B 255 -3.58 7.49 -18.41
N SER B 256 -4.61 6.71 -18.12
CA SER B 256 -5.99 7.08 -18.48
C SER B 256 -6.67 7.85 -17.33
N ALA B 257 -5.97 7.96 -16.20
CA ALA B 257 -6.44 8.74 -15.05
C ALA B 257 -5.22 8.99 -14.13
N PRO B 258 -5.23 10.10 -13.37
CA PRO B 258 -4.09 10.40 -12.47
C PRO B 258 -3.84 9.33 -11.41
N GLY B 259 -2.57 8.98 -11.19
CA GLY B 259 -2.21 8.00 -10.15
C GLY B 259 -1.80 6.62 -10.65
N GLN B 260 -2.18 6.29 -11.88
CA GLN B 260 -1.81 4.99 -12.45
C GLN B 260 -0.31 4.89 -12.63
N ILE B 261 0.25 3.72 -12.33
CA ILE B 261 1.68 3.48 -12.54
C ILE B 261 1.83 2.49 -13.68
N SER B 262 3.06 2.27 -14.13
CA SER B 262 3.31 1.37 -15.25
C SER B 262 2.79 -0.04 -14.95
N VAL B 263 2.32 -0.71 -15.99
CA VAL B 263 1.80 -2.06 -15.86
C VAL B 263 2.86 -3.00 -15.30
N ALA B 264 4.10 -2.85 -15.74
CA ALA B 264 5.18 -3.70 -15.24
C ALA B 264 5.36 -3.55 -13.73
N ASP B 265 5.43 -2.31 -13.25
CA ASP B 265 5.58 -2.04 -11.81
C ASP B 265 4.35 -2.48 -11.03
N LEU B 266 3.17 -2.29 -11.60
CA LEU B 266 1.92 -2.70 -10.95
C LEU B 266 1.91 -4.20 -10.69
N ARG B 267 2.24 -5.00 -11.73
CA ARG B 267 2.25 -6.45 -11.58
C ARG B 267 3.29 -6.87 -10.54
N THR B 268 4.45 -6.20 -10.56
CA THR B 268 5.52 -6.51 -9.61
C THR B 268 5.04 -6.37 -8.17
N VAL B 269 4.37 -5.27 -7.89
CA VAL B 269 3.87 -5.04 -6.53
C VAL B 269 2.74 -6.01 -6.17
N LEU B 270 1.80 -6.22 -7.09
CA LEU B 270 0.68 -7.13 -6.82
C LEU B 270 1.18 -8.53 -6.47
N THR B 271 2.20 -8.98 -7.20
CA THR B 271 2.81 -10.28 -7.00
C THR B 271 3.47 -10.37 -5.63
N ILE B 272 4.25 -9.35 -5.27
CA ILE B 272 4.89 -9.28 -3.96
C ILE B 272 3.85 -9.39 -2.85
N LEU B 273 2.75 -8.65 -3.00
CA LEU B 273 1.68 -8.64 -2.00
C LEU B 273 0.88 -9.93 -1.96
N HIS B 274 0.86 -10.66 -3.07
CA HIS B 274 0.15 -11.93 -3.12
C HIS B 274 0.98 -13.06 -2.50
N GLN B 275 2.31 -12.93 -2.53
CA GLN B 275 3.23 -13.94 -1.97
C GLN B 275 2.81 -14.40 -0.58
N ALA B 276 2.73 -15.72 -0.41
CA ALA B 276 2.34 -16.31 0.88
C ALA B 276 3.29 -15.91 2.00
C1 QIC C . 9.43 -4.61 14.84
O1 QIC C . 8.63 -5.13 15.92
C2 QIC C . 9.75 -3.14 15.09
O2 QIC C . 9.89 -3.41 17.50
C3 QIC C . 10.61 -2.97 16.34
O3 QIC C . 12.67 -3.57 17.43
C4 QIC C . 11.91 -3.75 16.22
O4 QIC C . 12.88 -5.92 15.81
C5 QIC C . 11.63 -5.22 15.95
O5 QIC C . 7.37 -4.84 13.68
C6 QIC C . 10.74 -5.39 14.70
O6 QIC C . 9.19 -4.63 12.43
C7 QIC C . 8.61 -4.69 13.57
C1 QIC D . -9.93 5.25 -14.03
O1 QIC D . -10.58 6.53 -13.90
C2 QIC D . -10.95 4.17 -13.68
O2 QIC D . -12.88 5.33 -14.62
C3 QIC D . -12.08 4.13 -14.70
O3 QIC D . -12.66 3.97 -17.02
C4 QIC D . -11.56 3.94 -16.12
O4 QIC D . -10.00 4.70 -17.82
C5 QIC D . -10.52 4.99 -16.50
O5 QIC D . -7.93 4.29 -13.11
C6 QIC D . -9.39 5.02 -15.45
O6 QIC D . -8.87 5.98 -12.03
C7 QIC D . -8.83 5.17 -12.99
#